data_5UIF
#
_entry.id   5UIF
#
_cell.length_a   80.722
_cell.length_b   58.902
_cell.length_c   84.759
_cell.angle_alpha   90.00
_cell.angle_beta   110.37
_cell.angle_gamma   90.00
#
_symmetry.space_group_name_H-M   'C 1 2 1'
#
loop_
_entity.id
_entity.type
_entity.pdbx_description
1 polymer Ps01740
2 water water
#
_entity_poly.entity_id   1
_entity_poly.type   'polypeptide(L)'
_entity_poly.pdbx_seq_one_letter_code
;PLYECQTVKGTLSERQRQSLAESITSIHTRETGAPASYVHVLFKELEPGSAFTAGQVATPAIIRGQIRAGRPQATRHAIL
RAITDVYMAVTGADANAVVVAVVDIPASWAMEGGQIFPEPEQPPEVA
;
_entity_poly.pdbx_strand_id   A,B,C
#
# COMPACT_ATOMS: atom_id res chain seq x y z
N PRO A 1 2.16 14.67 -0.95
CA PRO A 1 3.03 13.53 -1.23
C PRO A 1 3.17 12.58 -0.03
N LEU A 2 3.20 11.29 -0.30
CA LEU A 2 3.32 10.28 0.76
C LEU A 2 4.42 9.27 0.45
N TYR A 3 5.27 9.02 1.44
CA TYR A 3 6.32 8.01 1.31
C TYR A 3 6.20 6.96 2.40
N GLU A 4 6.23 5.70 2.01
CA GLU A 4 6.09 4.59 2.95
C GLU A 4 7.30 3.67 2.92
N CYS A 5 7.84 3.36 4.10
CA CYS A 5 9.01 2.49 4.21
C CYS A 5 8.65 1.17 4.88
N GLN A 6 8.89 0.06 4.16
CA GLN A 6 8.61 -1.26 4.69
C GLN A 6 9.87 -2.09 4.85
N THR A 7 10.24 -2.38 6.09
CA THR A 7 11.41 -3.20 6.37
C THR A 7 11.07 -4.31 7.37
N VAL A 8 11.98 -5.25 7.53
CA VAL A 8 11.82 -6.31 8.53
C VAL A 8 12.02 -5.73 9.91
N LYS A 9 11.20 -6.18 10.86
CA LYS A 9 11.24 -5.71 12.25
C LYS A 9 12.65 -5.73 12.84
N GLY A 10 13.12 -4.57 13.28
CA GLY A 10 14.43 -4.45 13.90
C GLY A 10 15.48 -3.83 13.00
N THR A 11 15.08 -3.52 11.77
CA THR A 11 16.00 -2.92 10.80
C THR A 11 16.35 -1.49 11.15
N LEU A 12 15.32 -0.67 11.35
CA LEU A 12 15.52 0.76 11.60
C LEU A 12 15.35 1.11 13.08
N SER A 13 16.17 2.04 13.56
CA SER A 13 16.05 2.56 14.91
C SER A 13 15.24 3.86 14.88
N GLU A 14 15.12 4.50 16.05
CA GLU A 14 14.43 5.77 16.13
C GLU A 14 15.22 6.85 15.40
N ARG A 15 16.53 6.86 15.65
CA ARG A 15 17.42 7.84 15.04
C ARG A 15 17.45 7.69 13.51
N GLN A 16 17.37 6.44 13.05
CA GLN A 16 17.42 6.17 11.62
C GLN A 16 16.14 6.60 10.92
N ARG A 17 15.00 6.38 11.57
CA ARG A 17 13.72 6.79 11.01
C ARG A 17 13.62 8.32 10.96
N GLN A 18 14.19 8.98 11.96
CA GLN A 18 14.22 10.43 12.00
C GLN A 18 15.09 10.97 10.86
N SER A 19 16.25 10.35 10.66
CA SER A 19 17.18 10.75 9.61
C SER A 19 16.57 10.56 8.23
N LEU A 20 15.98 9.38 8.01
CA LEU A 20 15.40 9.05 6.71
C LEU A 20 14.20 9.94 6.38
N ALA A 21 13.41 10.26 7.40
CA ALA A 21 12.25 11.12 7.21
C ALA A 21 12.67 12.53 6.81
N GLU A 22 13.70 13.04 7.48
CA GLU A 22 14.23 14.37 7.16
C GLU A 22 14.88 14.39 5.79
N SER A 23 15.57 13.30 5.46
CA SER A 23 16.27 13.18 4.18
C SER A 23 15.30 13.12 3.02
N ILE A 24 14.31 12.23 3.12
CA ILE A 24 13.30 12.06 2.07
C ILE A 24 12.53 13.36 1.84
N THR A 25 12.17 14.04 2.92
CA THR A 25 11.46 15.30 2.84
C THR A 25 12.27 16.35 2.09
N SER A 26 13.55 16.46 2.43
CA SER A 26 14.44 17.42 1.77
C SER A 26 14.60 17.13 0.29
N ILE A 27 14.71 15.85 -0.05
CA ILE A 27 14.87 15.42 -1.44
C ILE A 27 13.62 15.75 -2.26
N HIS A 28 12.45 15.53 -1.68
CA HIS A 28 11.19 15.78 -2.38
C HIS A 28 10.92 17.27 -2.58
N THR A 29 11.09 18.04 -1.51
CA THR A 29 10.82 19.48 -1.54
C THR A 29 11.72 20.21 -2.53
N ARG A 30 12.89 19.64 -2.78
CA ARG A 30 13.86 20.24 -3.70
C ARG A 30 13.54 19.95 -5.16
N GLU A 31 13.32 18.67 -5.46
CA GLU A 31 13.12 18.24 -6.83
C GLU A 31 11.76 18.63 -7.40
N THR A 32 10.76 18.73 -6.53
CA THR A 32 9.40 19.03 -6.96
C THR A 32 9.04 20.50 -6.72
N GLY A 33 9.68 21.10 -5.72
CA GLY A 33 9.39 22.47 -5.36
C GLY A 33 8.11 22.59 -4.56
N ALA A 34 7.81 21.55 -3.80
CA ALA A 34 6.60 21.51 -2.98
C ALA A 34 6.94 21.73 -1.51
N PRO A 35 6.06 22.42 -0.77
CA PRO A 35 6.28 22.71 0.65
C PRO A 35 6.38 21.44 1.51
N ALA A 36 7.15 21.53 2.59
CA ALA A 36 7.41 20.37 3.44
C ALA A 36 6.19 19.93 4.24
N SER A 37 5.26 20.86 4.47
CA SER A 37 4.08 20.59 5.29
C SER A 37 3.19 19.50 4.71
N TYR A 38 3.28 19.30 3.40
CA TYR A 38 2.45 18.30 2.73
C TYR A 38 3.17 16.95 2.63
N VAL A 39 4.45 16.93 2.98
CA VAL A 39 5.26 15.73 2.90
C VAL A 39 5.08 14.83 4.13
N HIS A 40 4.55 13.64 3.91
CA HIS A 40 4.34 12.69 4.99
C HIS A 40 5.17 11.43 4.79
N VAL A 41 5.85 10.97 5.85
CA VAL A 41 6.65 9.77 5.78
C VAL A 41 6.22 8.75 6.84
N LEU A 42 5.90 7.54 6.39
CA LEU A 42 5.43 6.49 7.29
C LEU A 42 6.41 5.32 7.33
N PHE A 43 6.51 4.68 8.50
CA PHE A 43 7.38 3.52 8.66
C PHE A 43 6.61 2.31 9.15
N LYS A 44 6.69 1.22 8.40
CA LYS A 44 6.01 -0.02 8.76
C LYS A 44 7.00 -1.17 8.82
N GLU A 45 6.87 -2.01 9.84
CA GLU A 45 7.76 -3.15 10.01
C GLU A 45 7.06 -4.47 9.69
N LEU A 46 7.82 -5.40 9.09
CA LEU A 46 7.31 -6.72 8.78
C LEU A 46 7.80 -7.74 9.80
N GLU A 47 6.94 -8.69 10.15
CA GLU A 47 7.33 -9.76 11.06
C GLU A 47 8.39 -10.64 10.42
N PRO A 48 9.37 -11.09 11.22
CA PRO A 48 10.42 -11.99 10.73
C PRO A 48 9.83 -13.26 10.12
N GLY A 49 10.18 -13.53 8.87
CA GLY A 49 9.66 -14.69 8.17
C GLY A 49 8.44 -14.37 7.33
N SER A 50 8.15 -13.08 7.19
CA SER A 50 7.03 -12.64 6.37
C SER A 50 7.51 -11.83 5.17
N ALA A 51 8.83 -11.76 5.02
CA ALA A 51 9.43 -11.08 3.87
C ALA A 51 10.23 -12.09 3.05
N PHE A 52 9.91 -12.20 1.76
CA PHE A 52 10.54 -13.20 0.92
C PHE A 52 11.17 -12.60 -0.33
N THR A 53 12.32 -13.17 -0.71
CA THR A 53 12.98 -12.83 -1.96
C THR A 53 13.44 -14.11 -2.65
N ALA A 54 13.03 -14.29 -3.90
CA ALA A 54 13.30 -15.51 -4.65
C ALA A 54 12.75 -16.75 -3.92
N GLY A 55 11.59 -16.60 -3.32
CA GLY A 55 10.91 -17.70 -2.65
C GLY A 55 11.45 -18.04 -1.28
N GLN A 56 12.55 -17.41 -0.90
CA GLN A 56 13.18 -17.69 0.38
C GLN A 56 13.11 -16.48 1.32
N VAL A 57 13.14 -16.75 2.62
CA VAL A 57 13.09 -15.71 3.63
C VAL A 57 14.27 -14.75 3.46
N ALA A 58 13.96 -13.46 3.33
CA ALA A 58 15.00 -12.45 3.17
C ALA A 58 14.58 -11.17 3.88
N THR A 59 15.42 -10.15 3.80
CA THR A 59 15.13 -8.87 4.42
C THR A 59 15.20 -7.71 3.43
N PRO A 60 14.29 -7.68 2.43
CA PRO A 60 14.32 -6.57 1.48
C PRO A 60 13.76 -5.29 2.10
N ALA A 61 14.06 -4.16 1.50
CA ALA A 61 13.55 -2.87 1.97
C ALA A 61 12.77 -2.18 0.85
N ILE A 62 11.51 -1.90 1.11
CA ILE A 62 10.65 -1.31 0.09
C ILE A 62 10.20 0.09 0.49
N ILE A 63 10.62 1.08 -0.32
CA ILE A 63 10.20 2.46 -0.11
C ILE A 63 9.36 2.94 -1.29
N ARG A 64 8.08 3.17 -1.05
CA ARG A 64 7.18 3.61 -2.10
C ARG A 64 6.70 5.03 -1.87
N GLY A 65 6.68 5.83 -2.92
CA GLY A 65 6.26 7.22 -2.82
C GLY A 65 5.21 7.60 -3.85
N GLN A 66 4.12 8.20 -3.38
CA GLN A 66 3.07 8.67 -4.25
C GLN A 66 3.10 10.19 -4.36
N ILE A 67 3.53 10.69 -5.51
CA ILE A 67 3.68 12.13 -5.71
C ILE A 67 2.69 12.69 -6.73
N ARG A 68 2.67 14.01 -6.83
CA ARG A 68 1.82 14.70 -7.79
C ARG A 68 2.30 14.45 -9.21
N ALA A 69 1.36 14.16 -10.11
CA ALA A 69 1.70 13.97 -11.52
C ALA A 69 1.92 15.31 -12.20
N GLY A 70 2.68 15.30 -13.29
CA GLY A 70 2.93 16.52 -14.05
C GLY A 70 4.38 16.95 -14.04
N ARG A 71 5.23 16.17 -13.35
CA ARG A 71 6.65 16.48 -13.28
C ARG A 71 7.45 15.55 -14.19
N PRO A 72 8.46 16.08 -14.89
CA PRO A 72 9.28 15.34 -15.86
C PRO A 72 9.95 14.10 -15.28
N GLN A 73 10.38 13.20 -16.16
CA GLN A 73 10.99 11.94 -15.74
C GLN A 73 12.32 12.17 -15.02
N ALA A 74 13.07 13.17 -15.46
CA ALA A 74 14.35 13.51 -14.84
C ALA A 74 14.17 13.85 -13.36
N THR A 75 13.04 14.48 -13.04
CA THR A 75 12.71 14.82 -11.66
C THR A 75 12.48 13.57 -10.82
N ARG A 76 11.71 12.63 -11.38
CA ARG A 76 11.41 11.38 -10.70
C ARG A 76 12.66 10.56 -10.43
N HIS A 77 13.48 10.39 -11.48
CA HIS A 77 14.72 9.64 -11.39
C HIS A 77 15.65 10.20 -10.32
N ALA A 78 15.69 11.53 -10.22
CA ALA A 78 16.51 12.21 -9.23
C ALA A 78 16.04 11.87 -7.82
N ILE A 79 14.72 11.74 -7.66
CA ILE A 79 14.13 11.37 -6.38
C ILE A 79 14.45 9.91 -6.06
N LEU A 80 14.29 9.05 -7.06
CA LEU A 80 14.58 7.62 -6.91
C LEU A 80 16.02 7.38 -6.48
N ARG A 81 16.96 8.01 -7.19
CA ARG A 81 18.39 7.83 -6.94
C ARG A 81 18.80 8.29 -5.55
N ALA A 82 18.36 9.49 -5.17
CA ALA A 82 18.75 10.10 -3.91
C ALA A 82 18.27 9.28 -2.71
N ILE A 83 17.01 8.85 -2.76
CA ILE A 83 16.43 8.05 -1.68
C ILE A 83 17.18 6.72 -1.54
N THR A 84 17.49 6.09 -2.66
CA THR A 84 18.19 4.81 -2.66
C THR A 84 19.60 4.95 -2.07
N ASP A 85 20.32 5.97 -2.51
CA ASP A 85 21.68 6.22 -2.02
C ASP A 85 21.68 6.49 -0.52
N VAL A 86 20.69 7.27 -0.07
CA VAL A 86 20.59 7.64 1.34
C VAL A 86 20.29 6.43 2.22
N TYR A 87 19.33 5.60 1.81
CA TYR A 87 18.95 4.44 2.61
C TYR A 87 20.10 3.45 2.78
N MET A 88 20.87 3.25 1.70
CA MET A 88 22.00 2.34 1.75
C MET A 88 23.11 2.88 2.65
N ALA A 89 23.18 4.20 2.75
CA ALA A 89 24.20 4.84 3.57
C ALA A 89 23.81 4.84 5.05
N VAL A 90 22.52 4.97 5.31
CA VAL A 90 21.99 5.00 6.67
C VAL A 90 21.96 3.60 7.28
N THR A 91 21.61 2.61 6.45
CA THR A 91 21.38 1.26 6.94
C THR A 91 22.56 0.32 6.67
N GLY A 92 23.19 0.48 5.51
CA GLY A 92 24.26 -0.42 5.11
C GLY A 92 23.70 -1.61 4.34
N ALA A 93 22.48 -1.45 3.84
CA ALA A 93 21.80 -2.53 3.12
C ALA A 93 22.40 -2.74 1.73
N ASP A 94 22.09 -3.89 1.15
CA ASP A 94 22.55 -4.21 -0.20
C ASP A 94 21.60 -3.58 -1.23
N ALA A 95 22.17 -3.08 -2.32
CA ALA A 95 21.39 -2.44 -3.37
C ALA A 95 20.40 -3.42 -4.00
N ASN A 96 20.75 -4.70 -3.97
CA ASN A 96 19.88 -5.74 -4.51
C ASN A 96 18.76 -6.11 -3.55
N ALA A 97 18.82 -5.56 -2.33
CA ALA A 97 17.80 -5.82 -1.33
C ALA A 97 17.07 -4.52 -0.96
N VAL A 98 17.15 -3.54 -1.84
CA VAL A 98 16.48 -2.26 -1.64
C VAL A 98 15.69 -1.86 -2.90
N VAL A 99 14.39 -1.62 -2.72
CA VAL A 99 13.53 -1.24 -3.84
C VAL A 99 12.82 0.07 -3.57
N VAL A 100 12.96 1.02 -4.48
CA VAL A 100 12.32 2.33 -4.36
C VAL A 100 11.42 2.59 -5.57
N ALA A 101 10.20 3.04 -5.31
CA ALA A 101 9.25 3.34 -6.38
C ALA A 101 8.54 4.67 -6.15
N VAL A 102 8.55 5.53 -7.17
CA VAL A 102 7.88 6.81 -7.11
C VAL A 102 6.83 6.91 -8.21
N VAL A 103 5.56 6.73 -7.85
CA VAL A 103 4.48 6.73 -8.82
C VAL A 103 3.74 8.06 -8.89
N ASP A 104 3.19 8.36 -10.07
CA ASP A 104 2.43 9.59 -10.27
C ASP A 104 0.99 9.43 -9.84
N ILE A 105 0.50 10.40 -9.08
CA ILE A 105 -0.90 10.46 -8.70
C ILE A 105 -1.52 11.75 -9.23
N PRO A 106 -2.58 11.62 -10.04
CA PRO A 106 -3.30 12.80 -10.55
C PRO A 106 -3.77 13.70 -9.41
N ALA A 107 -3.62 15.01 -9.60
CA ALA A 107 -3.90 15.97 -8.53
C ALA A 107 -5.34 15.92 -8.03
N SER A 108 -6.25 15.47 -8.89
CA SER A 108 -7.66 15.42 -8.55
C SER A 108 -8.07 14.08 -7.95
N TRP A 109 -7.09 13.25 -7.61
CA TRP A 109 -7.37 11.95 -7.02
C TRP A 109 -7.17 11.99 -5.51
N ALA A 110 -6.54 13.06 -5.02
CA ALA A 110 -6.26 13.20 -3.60
C ALA A 110 -6.90 14.45 -3.02
N MET A 111 -7.15 14.44 -1.71
CA MET A 111 -7.72 15.60 -1.03
C MET A 111 -7.00 15.85 0.30
N GLU A 112 -6.58 17.09 0.49
CA GLU A 112 -5.86 17.47 1.71
C GLU A 112 -5.99 18.97 1.97
N PRO B 1 9.61 -7.06 -9.25
CA PRO B 1 8.23 -7.44 -8.92
C PRO B 1 7.98 -7.47 -7.42
N LEU B 2 6.83 -6.94 -7.00
CA LEU B 2 6.50 -6.88 -5.59
C LEU B 2 5.07 -7.38 -5.32
N TYR B 3 4.95 -8.37 -4.45
CA TYR B 3 3.64 -8.90 -4.09
C TYR B 3 3.39 -8.77 -2.59
N GLU B 4 2.29 -8.13 -2.25
CA GLU B 4 1.92 -7.94 -0.85
C GLU B 4 0.64 -8.70 -0.51
N CYS B 5 0.66 -9.43 0.59
CA CYS B 5 -0.50 -10.19 1.03
C CYS B 5 -1.01 -9.69 2.38
N GLN B 6 -2.22 -9.15 2.38
CA GLN B 6 -2.85 -8.65 3.61
C GLN B 6 -3.93 -9.60 4.10
N THR B 7 -3.78 -10.06 5.33
CA THR B 7 -4.78 -10.92 5.98
C THR B 7 -4.93 -10.53 7.44
N VAL B 8 -5.96 -11.06 8.09
CA VAL B 8 -6.14 -10.87 9.52
C VAL B 8 -5.10 -11.69 10.28
N LYS B 9 -4.52 -11.10 11.32
CA LYS B 9 -3.46 -11.75 12.10
C LYS B 9 -3.85 -13.14 12.58
N GLY B 10 -3.13 -14.14 12.11
CA GLY B 10 -3.37 -15.53 12.50
C GLY B 10 -3.88 -16.37 11.35
N THR B 11 -4.30 -15.73 10.28
CA THR B 11 -4.86 -16.43 9.12
C THR B 11 -3.85 -17.37 8.46
N LEU B 12 -2.63 -16.90 8.28
CA LEU B 12 -1.60 -17.67 7.59
C LEU B 12 -0.55 -18.22 8.55
N SER B 13 -0.31 -19.53 8.45
CA SER B 13 0.79 -20.15 9.17
C SER B 13 2.10 -19.79 8.47
N GLU B 14 3.22 -20.05 9.14
CA GLU B 14 4.52 -19.76 8.55
C GLU B 14 4.76 -20.66 7.35
N ARG B 15 4.30 -21.90 7.45
CA ARG B 15 4.42 -22.85 6.33
C ARG B 15 3.56 -22.40 5.16
N GLN B 16 2.40 -21.80 5.47
CA GLN B 16 1.50 -21.31 4.43
C GLN B 16 2.11 -20.09 3.75
N ARG B 17 2.78 -19.26 4.53
CA ARG B 17 3.48 -18.10 3.99
C ARG B 17 4.62 -18.54 3.08
N GLN B 18 5.31 -19.61 3.48
CA GLN B 18 6.39 -20.15 2.66
C GLN B 18 5.85 -20.68 1.34
N SER B 19 4.81 -21.52 1.42
CA SER B 19 4.19 -22.10 0.24
C SER B 19 3.68 -21.04 -0.73
N LEU B 20 3.01 -20.02 -0.20
CA LEU B 20 2.49 -18.94 -1.03
C LEU B 20 3.62 -18.14 -1.67
N ALA B 21 4.69 -17.91 -0.90
CA ALA B 21 5.84 -17.16 -1.39
C ALA B 21 6.50 -17.85 -2.57
N GLU B 22 6.63 -19.18 -2.48
CA GLU B 22 7.26 -19.95 -3.55
C GLU B 22 6.37 -20.02 -4.79
N SER B 23 5.10 -20.32 -4.60
CA SER B 23 4.18 -20.50 -5.73
C SER B 23 3.95 -19.18 -6.47
N ILE B 24 3.80 -18.08 -5.73
CA ILE B 24 3.62 -16.77 -6.35
C ILE B 24 4.87 -16.38 -7.14
N THR B 25 6.03 -16.60 -6.55
CA THR B 25 7.30 -16.37 -7.23
C THR B 25 7.40 -17.24 -8.47
N SER B 26 6.97 -18.50 -8.34
CA SER B 26 7.00 -19.46 -9.44
C SER B 26 6.11 -19.03 -10.59
N ILE B 27 4.90 -18.57 -10.25
CA ILE B 27 3.92 -18.13 -11.25
C ILE B 27 4.44 -16.95 -12.06
N HIS B 28 4.99 -15.95 -11.37
CA HIS B 28 5.48 -14.75 -12.03
C HIS B 28 6.62 -15.06 -13.00
N THR B 29 7.62 -15.79 -12.52
CA THR B 29 8.78 -16.15 -13.33
C THR B 29 8.38 -17.00 -14.52
N ARG B 30 7.33 -17.79 -14.36
CA ARG B 30 6.82 -18.64 -15.42
C ARG B 30 6.16 -17.82 -16.53
N GLU B 31 5.43 -16.78 -16.15
CA GLU B 31 4.63 -16.01 -17.10
C GLU B 31 5.34 -14.80 -17.65
N THR B 32 6.34 -14.28 -16.93
CA THR B 32 7.03 -13.06 -17.36
C THR B 32 8.39 -13.36 -17.97
N GLY B 33 9.07 -14.38 -17.44
CA GLY B 33 10.41 -14.72 -17.90
C GLY B 33 11.46 -13.91 -17.16
N ALA B 34 11.10 -13.45 -15.97
CA ALA B 34 12.01 -12.65 -15.15
C ALA B 34 12.67 -13.53 -14.08
N PRO B 35 13.90 -13.17 -13.67
CA PRO B 35 14.60 -13.90 -12.61
C PRO B 35 13.86 -13.85 -11.28
N ALA B 36 13.98 -14.91 -10.49
CA ALA B 36 13.30 -14.99 -9.21
C ALA B 36 13.91 -14.02 -8.19
N SER B 37 15.15 -13.62 -8.43
CA SER B 37 15.87 -12.73 -7.52
C SER B 37 15.23 -11.34 -7.43
N TYR B 38 14.41 -10.99 -8.42
CA TYR B 38 13.75 -9.70 -8.43
C TYR B 38 12.37 -9.76 -7.78
N VAL B 39 11.87 -10.98 -7.56
CA VAL B 39 10.54 -11.17 -7.01
C VAL B 39 10.52 -11.09 -5.48
N HIS B 40 9.76 -10.14 -4.96
CA HIS B 40 9.62 -9.97 -3.52
C HIS B 40 8.19 -10.20 -3.07
N VAL B 41 8.00 -11.07 -2.09
CA VAL B 41 6.68 -11.32 -1.54
C VAL B 41 6.63 -10.92 -0.06
N LEU B 42 5.66 -10.09 0.29
CA LEU B 42 5.54 -9.58 1.65
C LEU B 42 4.20 -9.98 2.28
N PHE B 43 4.24 -10.39 3.54
CA PHE B 43 3.04 -10.78 4.25
C PHE B 43 2.76 -9.84 5.43
N LYS B 44 1.68 -9.08 5.33
CA LYS B 44 1.28 -8.16 6.40
C LYS B 44 0.02 -8.67 7.09
N GLU B 45 -0.04 -8.47 8.40
CA GLU B 45 -1.18 -8.93 9.18
C GLU B 45 -1.97 -7.78 9.78
N LEU B 46 -3.29 -7.92 9.75
CA LEU B 46 -4.19 -6.93 10.34
C LEU B 46 -4.74 -7.44 11.66
N GLU B 47 -4.83 -6.54 12.65
CA GLU B 47 -5.43 -6.89 13.93
C GLU B 47 -6.89 -7.28 13.75
N PRO B 48 -7.34 -8.31 14.48
CA PRO B 48 -8.75 -8.71 14.41
C PRO B 48 -9.67 -7.60 14.92
N GLY B 49 -10.58 -7.16 14.07
CA GLY B 49 -11.45 -6.04 14.41
C GLY B 49 -11.03 -4.78 13.68
N SER B 50 -9.94 -4.88 12.92
CA SER B 50 -9.47 -3.77 12.10
C SER B 50 -9.64 -4.08 10.63
N ALA B 51 -10.27 -5.21 10.34
CA ALA B 51 -10.60 -5.60 8.96
C ALA B 51 -12.11 -5.73 8.81
N PHE B 52 -12.66 -5.04 7.81
CA PHE B 52 -14.10 -5.01 7.62
C PHE B 52 -14.51 -5.38 6.21
N THR B 53 -15.60 -6.13 6.10
CA THR B 53 -16.25 -6.40 4.82
C THR B 53 -17.71 -6.00 4.98
N ALA B 54 -18.28 -5.43 3.92
CA ALA B 54 -19.57 -4.75 4.00
C ALA B 54 -19.52 -3.72 5.12
N GLY B 55 -20.25 -3.96 6.20
CA GLY B 55 -20.22 -3.05 7.32
C GLY B 55 -19.62 -3.64 8.58
N GLN B 56 -19.43 -4.96 8.59
CA GLN B 56 -19.04 -5.67 9.80
C GLN B 56 -17.63 -6.25 9.72
N VAL B 57 -17.14 -6.73 10.86
CA VAL B 57 -15.83 -7.36 10.95
C VAL B 57 -15.81 -8.68 10.20
N ALA B 58 -14.80 -8.84 9.33
CA ALA B 58 -14.66 -10.08 8.58
C ALA B 58 -13.18 -10.44 8.42
N THR B 59 -12.91 -11.44 7.58
CA THR B 59 -11.54 -11.86 7.34
C THR B 59 -11.22 -11.93 5.84
N PRO B 60 -11.21 -10.76 5.17
CA PRO B 60 -10.89 -10.77 3.74
C PRO B 60 -9.41 -11.01 3.51
N ALA B 61 -9.04 -11.29 2.26
CA ALA B 61 -7.65 -11.51 1.91
C ALA B 61 -7.28 -10.71 0.67
N ILE B 62 -6.33 -9.80 0.81
CA ILE B 62 -5.94 -8.93 -0.30
C ILE B 62 -4.51 -9.19 -0.73
N ILE B 63 -4.35 -9.68 -1.95
CA ILE B 63 -3.03 -9.88 -2.55
C ILE B 63 -2.83 -8.90 -3.70
N ARG B 64 -1.92 -7.96 -3.52
CA ARG B 64 -1.66 -6.96 -4.54
C ARG B 64 -0.24 -7.10 -5.10
N GLY B 65 -0.16 -7.17 -6.42
CA GLY B 65 1.12 -7.33 -7.10
C GLY B 65 1.48 -6.14 -7.95
N GLN B 66 2.66 -5.58 -7.71
CA GLN B 66 3.15 -4.47 -8.51
C GLN B 66 4.22 -4.96 -9.49
N ILE B 67 3.84 -5.06 -10.76
CA ILE B 67 4.76 -5.52 -11.79
C ILE B 67 5.11 -4.39 -12.75
N ARG B 68 6.02 -4.66 -13.68
CA ARG B 68 6.45 -3.61 -14.60
C ARG B 68 5.60 -3.57 -15.87
N ALA B 69 5.31 -2.36 -16.33
CA ALA B 69 4.46 -2.15 -17.50
C ALA B 69 5.15 -2.63 -18.77
N GLY B 70 4.35 -2.84 -19.82
CA GLY B 70 4.87 -3.28 -21.10
C GLY B 70 4.46 -4.70 -21.44
N ARG B 71 3.76 -5.34 -20.51
CA ARG B 71 3.32 -6.71 -20.71
C ARG B 71 1.83 -6.80 -21.04
N PRO B 72 1.46 -7.73 -21.94
CA PRO B 72 0.08 -7.90 -22.39
C PRO B 72 -0.86 -8.39 -21.29
N GLN B 73 -2.16 -8.28 -21.52
CA GLN B 73 -3.16 -8.66 -20.53
C GLN B 73 -3.15 -10.15 -20.21
N ALA B 74 -3.00 -10.99 -21.23
CA ALA B 74 -3.03 -12.44 -21.08
C ALA B 74 -2.01 -12.91 -20.04
N THR B 75 -0.88 -12.23 -19.98
CA THR B 75 0.15 -12.53 -18.98
C THR B 75 -0.37 -12.22 -17.58
N ARG B 76 -0.91 -11.01 -17.41
CA ARG B 76 -1.42 -10.58 -16.11
C ARG B 76 -2.58 -11.45 -15.64
N HIS B 77 -3.51 -11.75 -16.55
CA HIS B 77 -4.64 -12.59 -16.23
C HIS B 77 -4.20 -13.98 -15.76
N ALA B 78 -3.21 -14.53 -16.45
CA ALA B 78 -2.67 -15.84 -16.11
C ALA B 78 -2.10 -15.84 -14.70
N ILE B 79 -1.49 -14.73 -14.33
CA ILE B 79 -0.96 -14.56 -12.98
C ILE B 79 -2.09 -14.42 -11.97
N LEU B 80 -3.11 -13.65 -12.34
CA LEU B 80 -4.26 -13.42 -11.48
C LEU B 80 -4.99 -14.72 -11.10
N ARG B 81 -5.32 -15.52 -12.11
CA ARG B 81 -6.07 -16.75 -11.88
C ARG B 81 -5.24 -17.77 -11.13
N ALA B 82 -3.93 -17.81 -11.42
CA ALA B 82 -3.03 -18.75 -10.77
C ALA B 82 -2.89 -18.46 -9.28
N ILE B 83 -2.60 -17.20 -8.96
CA ILE B 83 -2.48 -16.77 -7.57
C ILE B 83 -3.78 -17.02 -6.82
N THR B 84 -4.90 -16.74 -7.46
CA THR B 84 -6.21 -16.94 -6.85
C THR B 84 -6.47 -18.41 -6.53
N ASP B 85 -6.23 -19.28 -7.50
CA ASP B 85 -6.41 -20.72 -7.31
C ASP B 85 -5.50 -21.25 -6.19
N VAL B 86 -4.25 -20.82 -6.21
CA VAL B 86 -3.26 -21.29 -5.25
C VAL B 86 -3.61 -20.89 -3.82
N TYR B 87 -4.00 -19.63 -3.64
CA TYR B 87 -4.32 -19.13 -2.30
C TYR B 87 -5.52 -19.85 -1.70
N MET B 88 -6.57 -20.03 -2.51
CA MET B 88 -7.78 -20.69 -2.04
C MET B 88 -7.53 -22.17 -1.75
N ALA B 89 -6.53 -22.73 -2.41
CA ALA B 89 -6.15 -24.13 -2.18
C ALA B 89 -5.35 -24.26 -0.89
N VAL B 90 -4.36 -23.39 -0.73
CA VAL B 90 -3.50 -23.40 0.44
C VAL B 90 -4.27 -23.10 1.72
N THR B 91 -5.14 -22.11 1.67
CA THR B 91 -5.83 -21.63 2.86
C THR B 91 -7.22 -22.20 3.03
N GLY B 92 -7.94 -22.36 1.92
CA GLY B 92 -9.31 -22.86 1.98
C GLY B 92 -10.32 -21.74 2.07
N ALA B 93 -9.85 -20.51 1.85
CA ALA B 93 -10.70 -19.34 1.95
C ALA B 93 -11.79 -19.32 0.88
N ASP B 94 -12.82 -18.52 1.12
CA ASP B 94 -13.91 -18.39 0.15
C ASP B 94 -13.53 -17.42 -0.95
N ALA B 95 -13.98 -17.69 -2.17
CA ALA B 95 -13.65 -16.87 -3.32
C ALA B 95 -14.16 -15.44 -3.17
N ASN B 96 -15.25 -15.28 -2.42
CA ASN B 96 -15.82 -13.96 -2.17
C ASN B 96 -15.05 -13.21 -1.08
N ALA B 97 -14.20 -13.92 -0.37
CA ALA B 97 -13.38 -13.32 0.68
C ALA B 97 -11.91 -13.24 0.26
N VAL B 98 -11.68 -13.27 -1.06
CA VAL B 98 -10.33 -13.18 -1.60
C VAL B 98 -10.28 -12.18 -2.76
N VAL B 99 -9.37 -11.22 -2.66
CA VAL B 99 -9.20 -10.22 -3.71
C VAL B 99 -7.75 -10.16 -4.18
N VAL B 100 -7.54 -10.36 -5.48
CA VAL B 100 -6.20 -10.33 -6.06
C VAL B 100 -6.10 -9.23 -7.12
N ALA B 101 -5.05 -8.42 -7.03
CA ALA B 101 -4.84 -7.35 -8.00
C ALA B 101 -3.38 -7.32 -8.47
N VAL B 102 -3.19 -7.06 -9.76
CA VAL B 102 -1.85 -6.95 -10.33
C VAL B 102 -1.74 -5.69 -11.16
N VAL B 103 -1.07 -4.67 -10.61
CA VAL B 103 -1.00 -3.37 -11.26
C VAL B 103 0.34 -3.13 -11.95
N ASP B 104 0.34 -2.21 -12.92
CA ASP B 104 1.54 -1.90 -13.67
C ASP B 104 2.30 -0.71 -13.11
N ILE B 105 3.63 -0.81 -13.13
CA ILE B 105 4.50 0.30 -12.77
C ILE B 105 5.58 0.43 -13.84
N PRO B 106 5.60 1.57 -14.55
CA PRO B 106 6.61 1.82 -15.59
C PRO B 106 8.02 1.65 -15.05
N ALA B 107 8.91 1.09 -15.88
CA ALA B 107 10.28 0.79 -15.47
C ALA B 107 11.01 2.03 -14.98
N SER B 108 10.61 3.19 -15.47
CA SER B 108 11.22 4.45 -15.09
C SER B 108 10.79 4.90 -13.69
N TRP B 109 9.76 4.26 -13.15
CA TRP B 109 9.19 4.68 -11.88
C TRP B 109 9.75 3.89 -10.70
N ALA B 110 10.48 2.82 -10.99
CA ALA B 110 11.07 2.00 -9.94
C ALA B 110 12.59 1.93 -10.08
N MET B 111 13.25 1.64 -8.98
CA MET B 111 14.71 1.47 -8.97
C MET B 111 15.12 0.38 -7.98
N GLU B 112 15.92 -0.57 -8.43
CA GLU B 112 16.34 -1.68 -7.60
C GLU B 112 17.70 -2.23 -8.02
N PRO C 1 -13.87 -2.89 -4.20
CA PRO C 1 -13.13 -1.71 -3.72
C PRO C 1 -12.42 -1.97 -2.39
N LEU C 2 -11.29 -1.32 -2.20
CA LEU C 2 -10.49 -1.50 -0.98
C LEU C 2 -10.10 -0.15 -0.37
N TYR C 3 -10.51 0.06 0.88
CA TYR C 3 -10.16 1.28 1.60
C TYR C 3 -9.26 0.97 2.80
N GLU C 4 -8.11 1.64 2.86
CA GLU C 4 -7.16 1.43 3.93
C GLU C 4 -6.92 2.69 4.74
N CYS C 5 -7.11 2.59 6.06
CA CYS C 5 -6.92 3.75 6.94
C CYS C 5 -5.68 3.58 7.81
N GLN C 6 -4.77 4.56 7.73
CA GLN C 6 -3.55 4.53 8.52
C GLN C 6 -3.51 5.69 9.52
N THR C 7 -3.40 5.36 10.80
CA THR C 7 -3.29 6.36 11.85
C THR C 7 -2.21 5.98 12.85
N VAL C 8 -1.72 6.95 13.61
CA VAL C 8 -0.79 6.67 14.70
C VAL C 8 -1.52 5.95 15.81
N LYS C 9 -0.87 4.94 16.39
CA LYS C 9 -1.46 4.10 17.44
C LYS C 9 -2.13 4.92 18.55
N GLY C 10 -3.40 4.62 18.80
CA GLY C 10 -4.14 5.29 19.85
C GLY C 10 -5.13 6.34 19.33
N THR C 11 -5.07 6.60 18.02
CA THR C 11 -5.95 7.59 17.39
C THR C 11 -7.41 7.13 17.39
N LEU C 12 -7.64 5.93 16.89
CA LEU C 12 -9.00 5.42 16.73
C LEU C 12 -9.36 4.40 17.80
N SER C 13 -10.56 4.52 18.34
CA SER C 13 -11.10 3.51 19.23
C SER C 13 -11.86 2.48 18.41
N GLU C 14 -12.27 1.39 19.05
CA GLU C 14 -13.01 0.34 18.34
C GLU C 14 -14.34 0.87 17.81
N ARG C 15 -14.98 1.73 18.59
CA ARG C 15 -16.26 2.32 18.20
C ARG C 15 -16.09 3.24 16.99
N GLN C 16 -14.99 3.99 16.99
CA GLN C 16 -14.69 4.89 15.87
C GLN C 16 -14.35 4.09 14.60
N ARG C 17 -13.65 2.99 14.78
CA ARG C 17 -13.32 2.11 13.65
C ARG C 17 -14.60 1.53 13.05
N GLN C 18 -15.48 1.05 13.91
CA GLN C 18 -16.76 0.50 13.50
C GLN C 18 -17.58 1.55 12.76
N SER C 19 -17.58 2.78 13.30
CA SER C 19 -18.30 3.89 12.70
C SER C 19 -17.76 4.22 11.31
N LEU C 20 -16.45 4.42 11.23
CA LEU C 20 -15.80 4.76 9.97
C LEU C 20 -16.00 3.67 8.92
N ALA C 21 -15.98 2.41 9.35
CA ALA C 21 -16.14 1.29 8.44
C ALA C 21 -17.54 1.28 7.82
N GLU C 22 -18.56 1.41 8.67
CA GLU C 22 -19.94 1.43 8.21
C GLU C 22 -20.21 2.64 7.32
N SER C 23 -19.60 3.77 7.67
CA SER C 23 -19.80 5.02 6.94
C SER C 23 -19.13 4.99 5.56
N ILE C 24 -17.84 4.62 5.54
CA ILE C 24 -17.07 4.53 4.30
C ILE C 24 -17.74 3.56 3.33
N THR C 25 -18.21 2.43 3.86
CA THR C 25 -18.95 1.46 3.06
C THR C 25 -20.19 2.08 2.44
N SER C 26 -21.01 2.69 3.28
CA SER C 26 -22.24 3.33 2.83
C SER C 26 -21.96 4.42 1.80
N ILE C 27 -20.86 5.14 1.99
CA ILE C 27 -20.44 6.17 1.06
C ILE C 27 -20.15 5.59 -0.32
N HIS C 28 -19.40 4.49 -0.36
CA HIS C 28 -19.04 3.87 -1.62
C HIS C 28 -20.25 3.26 -2.33
N THR C 29 -21.06 2.52 -1.58
CA THR C 29 -22.24 1.87 -2.15
C THR C 29 -23.26 2.89 -2.65
N ARG C 30 -23.16 4.10 -2.15
CA ARG C 30 -24.07 5.19 -2.53
C ARG C 30 -23.55 5.97 -3.73
N GLU C 31 -22.24 6.24 -3.73
CA GLU C 31 -21.63 7.04 -4.79
C GLU C 31 -21.34 6.20 -6.04
N THR C 32 -21.17 4.89 -5.85
CA THR C 32 -20.83 4.01 -6.97
C THR C 32 -21.98 3.11 -7.36
N GLY C 33 -22.79 2.70 -6.39
CA GLY C 33 -23.91 1.83 -6.65
C GLY C 33 -23.50 0.36 -6.68
N ALA C 34 -22.55 0.01 -5.82
CA ALA C 34 -22.05 -1.36 -5.74
C ALA C 34 -22.52 -2.05 -4.46
N PRO C 35 -22.61 -3.40 -4.50
CA PRO C 35 -22.98 -4.14 -3.29
C PRO C 35 -21.92 -4.01 -2.20
N ALA C 36 -22.36 -3.92 -0.94
CA ALA C 36 -21.46 -3.73 0.18
C ALA C 36 -20.53 -4.93 0.38
N SER C 37 -20.99 -6.10 -0.02
CA SER C 37 -20.26 -7.34 0.21
C SER C 37 -18.89 -7.39 -0.46
N TYR C 38 -18.61 -6.41 -1.31
CA TYR C 38 -17.32 -6.34 -2.00
C TYR C 38 -16.51 -5.15 -1.51
N VAL C 39 -17.12 -4.32 -0.67
CA VAL C 39 -16.44 -3.17 -0.09
C VAL C 39 -15.66 -3.59 1.16
N HIS C 40 -14.35 -3.41 1.12
CA HIS C 40 -13.49 -3.79 2.23
C HIS C 40 -12.80 -2.58 2.85
N VAL C 41 -12.88 -2.48 4.17
CA VAL C 41 -12.19 -1.41 4.89
C VAL C 41 -11.15 -2.02 5.84
N LEU C 42 -9.91 -1.51 5.76
CA LEU C 42 -8.83 -2.01 6.59
C LEU C 42 -8.25 -0.90 7.45
N PHE C 43 -7.96 -1.22 8.71
CA PHE C 43 -7.36 -0.25 9.61
C PHE C 43 -5.96 -0.68 10.05
N LYS C 44 -4.98 0.18 9.83
CA LYS C 44 -3.60 -0.10 10.22
C LYS C 44 -3.09 0.99 11.13
N GLU C 45 -2.34 0.60 12.17
CA GLU C 45 -1.78 1.56 13.11
C GLU C 45 -0.27 1.66 13.01
N LEU C 46 0.24 2.87 13.17
CA LEU C 46 1.68 3.13 13.12
C LEU C 46 2.22 3.41 14.52
N GLU C 47 3.49 3.07 14.74
CA GLU C 47 4.15 3.41 15.98
C GLU C 47 4.42 4.92 16.00
N PRO C 48 4.33 5.55 17.19
CA PRO C 48 4.47 7.00 17.36
C PRO C 48 5.68 7.60 16.66
N GLY C 49 6.80 6.90 16.67
CA GLY C 49 8.00 7.38 16.02
C GLY C 49 8.17 6.85 14.61
N SER C 50 7.06 6.52 13.97
CA SER C 50 7.10 5.97 12.62
C SER C 50 6.23 6.77 11.66
N ALA C 51 5.72 7.90 12.13
CA ALA C 51 4.91 8.79 11.30
C ALA C 51 5.48 10.21 11.35
N PHE C 52 5.79 10.76 10.18
CA PHE C 52 6.43 12.07 10.11
C PHE C 52 5.72 13.02 9.16
N THR C 53 5.70 14.29 9.51
CA THR C 53 5.20 15.34 8.63
C THR C 53 6.19 16.50 8.64
N ALA C 54 6.62 16.91 7.45
CA ALA C 54 7.64 17.95 7.28
C ALA C 54 8.93 17.60 8.00
N GLY C 55 9.20 16.30 8.11
CA GLY C 55 10.44 15.82 8.71
C GLY C 55 10.40 15.63 10.21
N GLN C 56 9.25 15.90 10.82
CA GLN C 56 9.12 15.79 12.27
C GLN C 56 8.01 14.83 12.68
N VAL C 57 8.17 14.21 13.85
CA VAL C 57 7.19 13.28 14.39
C VAL C 57 5.81 13.93 14.49
N ALA C 58 4.84 13.36 13.78
CA ALA C 58 3.49 13.91 13.75
C ALA C 58 2.45 12.81 13.79
N THR C 59 1.19 13.19 13.64
CA THR C 59 0.09 12.22 13.62
C THR C 59 -0.86 12.48 12.45
N PRO C 60 -0.39 12.27 11.22
CA PRO C 60 -1.29 12.45 10.07
C PRO C 60 -2.22 11.26 9.88
N ALA C 61 -3.38 11.50 9.27
CA ALA C 61 -4.32 10.43 8.99
C ALA C 61 -4.43 10.20 7.49
N ILE C 62 -4.04 9.00 7.05
CA ILE C 62 -4.02 8.69 5.63
C ILE C 62 -5.05 7.61 5.29
N ILE C 63 -6.03 7.96 4.47
CA ILE C 63 -7.03 7.01 4.01
C ILE C 63 -6.93 6.86 2.49
N ARG C 64 -6.70 5.63 2.04
CA ARG C 64 -6.54 5.37 0.61
C ARG C 64 -7.57 4.36 0.12
N GLY C 65 -8.20 4.68 -1.02
CA GLY C 65 -9.20 3.80 -1.59
C GLY C 65 -8.91 3.41 -3.02
N GLN C 66 -8.91 2.12 -3.30
CA GLN C 66 -8.77 1.61 -4.66
C GLN C 66 -10.12 1.23 -5.23
N ILE C 67 -10.55 1.94 -6.27
CA ILE C 67 -11.82 1.66 -6.92
C ILE C 67 -11.61 1.32 -8.38
N ARG C 68 -12.68 0.88 -9.04
CA ARG C 68 -12.60 0.47 -10.44
C ARG C 68 -12.69 1.68 -11.38
N ALA C 69 -11.82 1.68 -12.39
CA ALA C 69 -11.82 2.75 -13.39
C ALA C 69 -13.10 2.70 -14.21
N GLY C 70 -13.45 3.82 -14.85
CA GLY C 70 -14.66 3.91 -15.64
C GLY C 70 -15.67 4.80 -14.97
N ARG C 71 -15.20 5.63 -14.04
CA ARG C 71 -16.07 6.55 -13.32
C ARG C 71 -15.63 7.99 -13.50
N PRO C 72 -16.59 8.91 -13.65
CA PRO C 72 -16.31 10.34 -13.79
C PRO C 72 -15.64 10.91 -12.54
N GLN C 73 -15.11 12.12 -12.64
CA GLN C 73 -14.36 12.70 -11.53
C GLN C 73 -15.30 13.19 -10.45
N ALA C 74 -16.48 13.65 -10.87
CA ALA C 74 -17.51 14.09 -9.93
C ALA C 74 -17.83 13.01 -8.91
N THR C 75 -17.75 11.76 -9.35
CA THR C 75 -17.94 10.61 -8.48
C THR C 75 -16.78 10.44 -7.51
N ARG C 76 -15.56 10.46 -8.04
CA ARG C 76 -14.37 10.31 -7.21
C ARG C 76 -14.24 11.44 -6.21
N HIS C 77 -14.52 12.67 -6.66
CA HIS C 77 -14.46 13.83 -5.80
C HIS C 77 -15.51 13.78 -4.71
N ALA C 78 -16.69 13.25 -5.05
CA ALA C 78 -17.77 13.10 -4.09
C ALA C 78 -17.38 12.13 -2.98
N ILE C 79 -16.68 11.06 -3.35
CA ILE C 79 -16.17 10.09 -2.38
C ILE C 79 -15.09 10.73 -1.52
N LEU C 80 -14.21 11.49 -2.15
CA LEU C 80 -13.14 12.20 -1.45
C LEU C 80 -13.69 13.15 -0.40
N ARG C 81 -14.71 13.91 -0.76
CA ARG C 81 -15.30 14.89 0.15
C ARG C 81 -16.00 14.20 1.32
N ALA C 82 -16.79 13.18 1.02
CA ALA C 82 -17.56 12.46 2.03
C ALA C 82 -16.65 11.77 3.04
N ILE C 83 -15.63 11.07 2.54
CA ILE C 83 -14.67 10.38 3.39
C ILE C 83 -13.92 11.36 4.28
N THR C 84 -13.52 12.49 3.70
CA THR C 84 -12.80 13.52 4.44
C THR C 84 -13.66 14.08 5.58
N ASP C 85 -14.92 14.37 5.26
CA ASP C 85 -15.84 14.96 6.23
C ASP C 85 -16.19 14.00 7.37
N VAL C 86 -16.40 12.73 7.04
CA VAL C 86 -16.85 11.77 8.04
C VAL C 86 -15.72 11.42 9.03
N TYR C 87 -14.48 11.44 8.55
CA TYR C 87 -13.35 11.16 9.44
C TYR C 87 -13.18 12.31 10.43
N MET C 88 -13.32 13.53 9.93
CA MET C 88 -13.22 14.72 10.77
C MET C 88 -14.38 14.79 11.76
N ALA C 89 -15.51 14.19 11.38
CA ALA C 89 -16.69 14.18 12.23
C ALA C 89 -16.61 13.11 13.30
N VAL C 90 -15.93 12.01 12.97
CA VAL C 90 -15.80 10.87 13.89
C VAL C 90 -14.65 11.07 14.88
N THR C 91 -13.58 11.71 14.41
CA THR C 91 -12.38 11.86 15.22
C THR C 91 -12.23 13.26 15.81
N GLY C 92 -12.66 14.27 15.05
CA GLY C 92 -12.49 15.65 15.45
C GLY C 92 -11.11 16.16 15.07
N ALA C 93 -10.40 15.36 14.28
CA ALA C 93 -9.05 15.69 13.86
C ALA C 93 -9.02 16.91 12.93
N ASP C 94 -7.81 17.42 12.67
CA ASP C 94 -7.65 18.60 11.84
C ASP C 94 -7.63 18.22 10.36
N ALA C 95 -8.03 19.16 9.51
CA ALA C 95 -8.15 18.91 8.07
C ALA C 95 -6.80 18.70 7.39
N ASN C 96 -5.80 19.49 7.77
CA ASN C 96 -4.49 19.39 7.15
C ASN C 96 -3.67 18.25 7.74
N ALA C 97 -4.21 17.57 8.74
CA ALA C 97 -3.62 16.37 9.29
C ALA C 97 -4.36 15.15 8.76
N VAL C 98 -5.16 15.37 7.73
CA VAL C 98 -5.94 14.32 7.10
C VAL C 98 -5.74 14.33 5.58
N VAL C 99 -5.31 13.20 5.04
CA VAL C 99 -5.12 13.08 3.60
C VAL C 99 -5.88 11.88 3.04
N VAL C 100 -6.72 12.13 2.05
CA VAL C 100 -7.52 11.07 1.44
C VAL C 100 -7.25 10.97 -0.06
N ALA C 101 -7.06 9.74 -0.55
CA ALA C 101 -6.80 9.52 -1.96
C ALA C 101 -7.59 8.32 -2.50
N VAL C 102 -8.24 8.52 -3.63
CA VAL C 102 -8.98 7.45 -4.30
C VAL C 102 -8.42 7.22 -5.70
N VAL C 103 -7.77 6.08 -5.90
CA VAL C 103 -7.15 5.78 -7.18
C VAL C 103 -7.95 4.77 -8.00
N ASP C 104 -7.74 4.78 -9.30
CA ASP C 104 -8.43 3.86 -10.20
C ASP C 104 -7.61 2.60 -10.47
N ILE C 105 -8.29 1.47 -10.43
CA ILE C 105 -7.71 0.20 -10.84
C ILE C 105 -8.55 -0.39 -11.96
N PRO C 106 -7.95 -0.54 -13.15
CA PRO C 106 -8.63 -1.18 -14.29
C PRO C 106 -9.22 -2.53 -13.89
N ALA C 107 -10.47 -2.78 -14.31
CA ALA C 107 -11.17 -4.01 -13.94
C ALA C 107 -10.42 -5.25 -14.40
N SER C 108 -9.63 -5.09 -15.45
CA SER C 108 -8.84 -6.20 -16.00
C SER C 108 -7.61 -6.50 -15.16
N TRP C 109 -7.36 -5.67 -14.15
CA TRP C 109 -6.19 -5.84 -13.29
C TRP C 109 -6.54 -6.47 -11.96
N ALA C 110 -7.83 -6.71 -11.73
CA ALA C 110 -8.28 -7.28 -10.46
C ALA C 110 -9.10 -8.54 -10.66
N MET C 111 -9.02 -9.43 -9.67
CA MET C 111 -9.82 -10.64 -9.66
C MET C 111 -10.39 -10.88 -8.27
N GLU C 112 -11.71 -10.98 -8.19
CA GLU C 112 -12.40 -11.08 -6.91
C GLU C 112 -13.26 -12.34 -6.83
#